data_8VFI
#
_entry.id   8VFI
#
_cell.length_a   50.800
_cell.length_b   80.400
_cell.length_c   55.500
_cell.angle_alpha   90.000
_cell.angle_beta   107.900
_cell.angle_gamma   90.000
#
_symmetry.space_group_name_H-M   'P 1 21 1'
#
loop_
_entity.id
_entity.type
_entity.pdbx_description
1 polymer "DNA (5'-D(*CP*CP*GP*AP*CP*GP*AP*CP*GP*CP*AP*TP*CP*AP*GP*C)-3')"
2 polymer "DNA (5'-D(*GP*CP*TP*GP*AP*TP*GP*CP*GP*(FAP))-3')"
3 polymer "DNA (5'-D(P*GP*TP*CP*GP*G)-3')"
4 polymer 'DNA polymerase beta'
5 non-polymer 'MAGNESIUM ION'
6 non-polymer 'SODIUM ION'
7 non-polymer 'CHLORIDE ION'
8 non-polymer "2'-DEOXYCYTIDINE-5'-TRIPHOSPHATE"
9 water water
#
loop_
_entity_poly.entity_id
_entity_poly.type
_entity_poly.pdbx_seq_one_letter_code
_entity_poly.pdbx_strand_id
1 'polydeoxyribonucleotide' (DC)(DC)(DG)(DA)(DC)(DG)(DA)(DC)(DG)(DC)(DA)(DT)(DC)(DA)(DG)(DC) T
2 'polydeoxyribonucleotide' (DG)(DC)(DT)(DG)(DA)(DT)(DG)(DC)(DG)(8NI) P
3 'polydeoxyribonucleotide' (DG)(DT)(DC)(DG)(DG) D
4 'polypeptide(L)'
;MSKRKAPQETLNGGITDMLTELANFEKNVSQAIHKYNAYRKAASVIAKYPHKIKSGAEAKKLPGVGTKIAEKIDEFLATG
KLRKLEKIRQDDTSSSINFLTRVSGIGPSAARKFVDEGIKTLEDLRKNEDKLNHHQRIGLKYFGDFEKRIPREEMLQMQD
IVLNEVKKVDSEYIATVCGSFRRGAESSGDMDVLLTHPSFTSESTKQPKLLHQVVEQLQKVHFITDTLSKGETKFMGVCQ
LPSKNDEKEYPHRRIDIRLIPKDQYYCGVLYFTGSDIFNKNMRAHALEKGFTINEYTIRPLGVTGVAGEPLPVDSEKDIF
DYIQWKYREPKDRSE
;
A
#
loop_
_chem_comp.id
_chem_comp.type
_chem_comp.name
_chem_comp.formula
8NI DNA linking N-[(5S)-2-amino-5-formamido-6-oxo-5,6-dihydropyrimidin-4-yl]-2-deoxy-5-O-phosphono-beta-D-erythro-pentofuranosylamine 'C10 H16 N5 O8 P'
CL non-polymer 'CHLORIDE ION' 'Cl -1'
DA DNA linking 2'-DEOXYADENOSINE-5'-MONOPHOSPHATE 'C10 H14 N5 O6 P'
DC DNA linking 2'-DEOXYCYTIDINE-5'-MONOPHOSPHATE 'C9 H14 N3 O7 P'
DCP non-polymer 2'-DEOXYCYTIDINE-5'-TRIPHOSPHATE 'C9 H16 N3 O13 P3'
DG DNA linking 2'-DEOXYGUANOSINE-5'-MONOPHOSPHATE 'C10 H14 N5 O7 P'
DT DNA linking THYMIDINE-5'-MONOPHOSPHATE 'C10 H15 N2 O8 P'
MG non-polymer 'MAGNESIUM ION' 'Mg 2'
NA non-polymer 'SODIUM ION' 'Na 1'
#
# COMPACT_ATOMS: atom_id res chain seq x y z
C5 8NI B 10 -4.00 -1.05 -4.37
C4 8NI B 10 -5.10 -0.68 -3.68
N2 8NI B 10 -7.03 -3.71 -3.50
N7 8NI B 10 -2.96 -0.08 -4.67
C8 8NI B 10 -1.66 -0.47 -5.17
C1' 8NI B 10 -5.46 0.68 -1.81
C2 8NI B 10 -5.99 -2.76 -3.79
C2' 8NI B 10 -4.16 0.11 -1.29
C3' 8NI B 10 -3.33 1.23 -1.79
C4' 8NI B 10 -4.12 2.39 -1.24
C5' 8NI B 10 -3.76 3.66 -1.96
C6 8NI B 10 -3.94 -2.32 -4.80
N1 8NI B 10 -4.92 -3.12 -4.50
N3 8NI B 10 -6.08 -1.51 -3.37
N9 8NI B 10 -5.27 0.65 -3.19
O3' 8NI B 10 -2.00 1.16 -1.32
O4' 8NI B 10 -5.48 2.07 -1.47
O5' 8NI B 10 -2.39 3.58 -2.21
O6 8NI B 10 -3.05 -2.77 -5.42
O8 8NI B 10 -0.82 0.32 -5.39
OP1 8NI B 10 -1.74 6.10 -1.82
OP2 8NI B 10 -0.26 4.63 -3.55
P 8NI B 10 -1.75 4.89 -2.91
N THR D 10 20.35 -0.47 9.16
CA THR D 10 19.90 -1.61 8.37
C THR D 10 21.08 -2.29 7.64
N LEU D 11 21.18 -3.61 7.81
CA LEU D 11 22.41 -4.36 7.54
C LEU D 11 22.83 -4.30 6.08
N ASN D 12 21.86 -4.35 5.17
CA ASN D 12 22.13 -4.36 3.74
C ASN D 12 21.40 -3.22 3.04
N GLY D 13 21.27 -2.08 3.74
CA GLY D 13 20.50 -0.96 3.23
C GLY D 13 20.99 -0.41 1.91
N GLY D 14 22.30 -0.42 1.68
CA GLY D 14 22.82 0.04 0.39
C GLY D 14 22.30 -0.81 -0.76
N ILE D 15 22.30 -2.13 -0.59
CA ILE D 15 21.82 -3.04 -1.62
C ILE D 15 20.31 -2.90 -1.81
N THR D 16 19.54 -2.85 -0.72
CA THR D 16 18.09 -2.85 -0.90
C THR D 16 17.61 -1.51 -1.46
N ASP D 17 18.31 -0.42 -1.14
CA ASP D 17 18.02 0.86 -1.77
C ASP D 17 18.28 0.80 -3.28
N MET D 18 19.36 0.14 -3.69
CA MET D 18 19.68 0.08 -5.12
C MET D 18 18.61 -0.72 -5.85
N LEU D 19 18.15 -1.81 -5.24
CA LEU D 19 17.16 -2.62 -5.91
C LEU D 19 15.81 -1.91 -5.96
N THR D 20 15.48 -1.11 -4.94
CA THR D 20 14.25 -0.36 -4.96
C THR D 20 14.27 0.70 -6.06
N GLU D 21 15.40 1.37 -6.24
CA GLU D 21 15.51 2.36 -7.32
C GLU D 21 15.39 1.67 -8.68
N LEU D 22 15.95 0.47 -8.82
CA LEU D 22 15.79 -0.28 -10.06
C LEU D 22 14.33 -0.68 -10.27
N ALA D 23 13.65 -1.11 -9.20
CA ALA D 23 12.25 -1.47 -9.31
C ALA D 23 11.43 -0.28 -9.80
N ASN D 24 11.67 0.89 -9.21
CA ASN D 24 10.91 2.07 -9.59
C ASN D 24 11.20 2.46 -11.03
N PHE D 25 12.45 2.35 -11.47
CA PHE D 25 12.77 2.61 -12.87
C PHE D 25 11.93 1.75 -13.80
N GLU D 26 11.87 0.44 -13.52
CA GLU D 26 11.18 -0.47 -14.42
C GLU D 26 9.68 -0.21 -14.43
N LYS D 27 9.11 0.15 -13.29
CA LYS D 27 7.66 0.41 -13.25
C LYS D 27 7.33 1.75 -13.90
N ASN D 28 8.08 2.79 -13.55
CA ASN D 28 7.68 4.14 -13.94
C ASN D 28 8.12 4.44 -15.38
N VAL D 29 9.30 3.99 -15.79
CA VAL D 29 9.89 4.39 -17.07
C VAL D 29 9.69 3.28 -18.09
N SER D 30 10.16 2.09 -17.76
CA SER D 30 10.07 0.95 -18.67
C SER D 30 8.66 0.42 -18.80
N GLN D 31 7.80 0.70 -17.82
CA GLN D 31 6.46 0.13 -17.76
C GLN D 31 6.55 -1.38 -17.88
N ALA D 32 7.48 -1.95 -17.11
CA ALA D 32 7.73 -3.39 -17.06
C ALA D 32 7.35 -3.88 -15.65
N ILE D 33 6.08 -4.22 -15.46
CA ILE D 33 5.57 -4.46 -14.11
C ILE D 33 6.14 -5.75 -13.51
N HIS D 34 6.52 -6.71 -14.34
CA HIS D 34 7.06 -7.93 -13.78
C HIS D 34 8.51 -7.75 -13.34
N LYS D 35 9.24 -6.87 -14.02
CA LYS D 35 10.58 -6.53 -13.55
C LYS D 35 10.51 -5.70 -12.27
N TYR D 36 9.50 -4.83 -12.18
CA TYR D 36 9.28 -4.06 -10.97
C TYR D 36 9.07 -4.99 -9.79
N ASN D 37 8.21 -6.00 -9.98
CA ASN D 37 7.91 -6.92 -8.89
C ASN D 37 9.09 -7.81 -8.56
N ALA D 38 9.91 -8.14 -9.57
CA ALA D 38 11.11 -8.96 -9.35
C ALA D 38 12.16 -8.21 -8.53
N TYR D 39 12.40 -6.94 -8.84
CA TYR D 39 13.35 -6.20 -8.01
C TYR D 39 12.79 -6.02 -6.58
N ARG D 40 11.49 -5.77 -6.46
N ARG D 40 11.50 -5.77 -6.46
CA ARG D 40 10.88 -5.62 -5.13
CA ARG D 40 10.91 -5.60 -5.11
C ARG D 40 11.00 -6.90 -4.31
C ARG D 40 11.06 -6.91 -4.31
N LYS D 41 10.82 -8.06 -4.95
CA LYS D 41 10.94 -9.33 -4.24
C LYS D 41 12.36 -9.56 -3.74
N ALA D 42 13.36 -9.25 -4.57
CA ALA D 42 14.75 -9.42 -4.16
C ALA D 42 15.11 -8.46 -3.03
N ALA D 43 14.64 -7.22 -3.11
CA ALA D 43 14.92 -6.27 -2.03
C ALA D 43 14.29 -6.74 -0.73
N SER D 44 13.08 -7.30 -0.82
CA SER D 44 12.40 -7.78 0.39
C SER D 44 13.14 -8.95 1.02
N VAL D 45 13.61 -9.90 0.21
CA VAL D 45 14.26 -11.07 0.81
C VAL D 45 15.63 -10.68 1.36
N ILE D 46 16.30 -9.72 0.73
CA ILE D 46 17.61 -9.28 1.24
C ILE D 46 17.43 -8.46 2.51
N ALA D 47 16.34 -7.70 2.58
CA ALA D 47 16.07 -6.87 3.75
C ALA D 47 15.91 -7.71 5.03
N LYS D 48 15.39 -8.92 4.92
CA LYS D 48 15.22 -9.72 6.12
C LYS D 48 16.38 -10.67 6.36
N TYR D 49 17.36 -10.70 5.46
CA TYR D 49 18.51 -11.59 5.62
C TYR D 49 19.40 -11.09 6.76
N PRO D 50 19.75 -11.94 7.74
CA PRO D 50 20.32 -11.39 8.99
C PRO D 50 21.85 -11.32 9.02
N HIS D 51 22.49 -11.30 7.85
CA HIS D 51 23.93 -11.11 7.75
C HIS D 51 24.24 -9.97 6.79
N LYS D 52 25.38 -9.33 7.01
CA LYS D 52 25.85 -8.32 6.07
C LYS D 52 26.41 -9.03 4.84
N ILE D 53 25.74 -8.87 3.69
CA ILE D 53 26.11 -9.59 2.49
C ILE D 53 27.53 -9.20 2.07
N LYS D 54 28.34 -10.21 1.73
CA LYS D 54 29.72 -9.96 1.31
C LYS D 54 29.98 -10.29 -0.16
N SER D 55 29.02 -10.88 -0.88
CA SER D 55 29.24 -11.18 -2.29
C SER D 55 27.91 -11.38 -3.00
N GLY D 56 27.94 -11.26 -4.32
CA GLY D 56 26.77 -11.57 -5.11
C GLY D 56 26.44 -13.04 -5.07
N ALA D 57 27.45 -13.90 -4.96
CA ALA D 57 27.18 -15.33 -4.83
C ALA D 57 26.41 -15.65 -3.56
N GLU D 58 26.78 -15.01 -2.45
CA GLU D 58 26.04 -15.20 -1.19
C GLU D 58 24.58 -14.81 -1.34
N ALA D 59 24.32 -13.70 -2.06
CA ALA D 59 22.95 -13.22 -2.23
C ALA D 59 22.16 -14.13 -3.16
N LYS D 60 22.81 -14.67 -4.20
CA LYS D 60 22.10 -15.52 -5.15
C LYS D 60 21.52 -16.76 -4.49
N LYS D 61 22.01 -17.12 -3.30
CA LYS D 61 21.42 -18.22 -2.55
C LYS D 61 19.97 -17.94 -2.15
N LEU D 62 19.58 -16.65 -2.06
CA LEU D 62 18.24 -16.31 -1.63
C LEU D 62 17.24 -16.42 -2.78
N PRO D 63 16.02 -16.86 -2.50
CA PRO D 63 15.02 -17.00 -3.56
C PRO D 63 14.52 -15.65 -4.04
N GLY D 64 14.59 -15.43 -5.35
CA GLY D 64 14.25 -14.15 -5.93
C GLY D 64 15.46 -13.32 -6.33
N VAL D 65 16.66 -13.68 -5.86
CA VAL D 65 17.90 -13.11 -6.35
C VAL D 65 18.47 -14.09 -7.37
N GLY D 66 18.67 -13.62 -8.59
CA GLY D 66 19.22 -14.44 -9.66
C GLY D 66 20.56 -13.95 -10.16
N THR D 67 20.91 -14.35 -11.39
CA THR D 67 22.25 -14.04 -11.92
C THR D 67 22.44 -12.55 -12.13
N LYS D 68 21.44 -11.87 -12.70
CA LYS D 68 21.60 -10.45 -13.02
C LYS D 68 21.73 -9.61 -11.76
N ILE D 69 20.88 -9.86 -10.76
CA ILE D 69 20.95 -9.08 -9.53
C ILE D 69 22.21 -9.43 -8.74
N ALA D 70 22.64 -10.69 -8.77
CA ALA D 70 23.90 -11.02 -8.11
C ALA D 70 25.06 -10.25 -8.74
N GLU D 71 25.06 -10.11 -10.06
CA GLU D 71 26.10 -9.31 -10.71
C GLU D 71 26.02 -7.85 -10.31
N LYS D 72 24.81 -7.32 -10.11
CA LYS D 72 24.69 -5.93 -9.68
C LYS D 72 25.16 -5.77 -8.25
N ILE D 73 24.93 -6.78 -7.41
CA ILE D 73 25.40 -6.70 -6.04
C ILE D 73 26.93 -6.73 -5.99
N ASP D 74 27.56 -7.54 -6.84
CA ASP D 74 29.02 -7.54 -6.90
C ASP D 74 29.56 -6.15 -7.29
N GLU D 75 28.98 -5.54 -8.33
CA GLU D 75 29.38 -4.20 -8.72
C GLU D 75 29.21 -3.21 -7.57
N PHE D 76 28.08 -3.28 -6.86
CA PHE D 76 27.82 -2.35 -5.77
C PHE D 76 28.78 -2.54 -4.61
N LEU D 77 29.06 -3.80 -4.27
CA LEU D 77 29.96 -4.06 -3.14
C LEU D 77 31.37 -3.57 -3.44
N ALA D 78 31.83 -3.77 -4.67
CA ALA D 78 33.17 -3.37 -5.03
C ALA D 78 33.32 -1.85 -5.17
N THR D 79 32.29 -1.14 -5.60
CA THR D 79 32.45 0.27 -5.93
C THR D 79 31.56 1.22 -5.14
N GLY D 80 30.54 0.74 -4.44
CA GLY D 80 29.58 1.60 -3.81
C GLY D 80 28.55 2.21 -4.74
N LYS D 81 28.57 1.87 -6.03
CA LYS D 81 27.68 2.47 -7.02
C LYS D 81 27.22 1.40 -8.00
N LEU D 82 26.29 1.80 -8.86
CA LEU D 82 25.83 0.97 -9.97
C LEU D 82 25.78 1.83 -11.22
N ARG D 83 26.62 1.51 -12.20
CA ARG D 83 26.71 2.35 -13.39
C ARG D 83 25.35 2.53 -14.05
N LYS D 84 24.57 1.44 -14.18
CA LYS D 84 23.24 1.50 -14.77
C LYS D 84 22.36 2.55 -14.10
N LEU D 85 22.44 2.66 -12.78
CA LEU D 85 21.64 3.66 -12.08
C LEU D 85 22.25 5.06 -12.23
N GLU D 86 23.57 5.15 -12.24
CA GLU D 86 24.22 6.48 -12.43
C GLU D 86 23.76 7.06 -13.78
N LYS D 87 23.56 6.19 -14.76
CA LYS D 87 23.11 6.67 -16.08
C LYS D 87 21.65 7.09 -15.98
N ILE D 88 20.81 6.23 -15.41
CA ILE D 88 19.39 6.57 -15.31
C ILE D 88 19.21 7.92 -14.62
N ARG D 89 20.03 8.17 -13.60
CA ARG D 89 19.91 9.43 -12.82
C ARG D 89 20.30 10.62 -13.70
N GLN D 90 21.17 10.38 -14.67
CA GLN D 90 21.60 11.42 -15.60
C GLN D 90 20.52 11.74 -16.63
N ASP D 91 19.65 10.78 -16.91
CA ASP D 91 18.74 10.86 -18.04
C ASP D 91 17.54 11.75 -17.73
N ASP D 92 17.36 12.80 -18.53
CA ASP D 92 16.30 13.77 -18.28
C ASP D 92 14.91 13.14 -18.35
N THR D 93 14.64 12.39 -19.42
CA THR D 93 13.29 11.85 -19.57
C THR D 93 12.96 10.88 -18.42
N SER D 94 13.87 9.97 -18.09
CA SER D 94 13.60 9.05 -16.99
C SER D 94 13.44 9.80 -15.67
N SER D 95 14.28 10.81 -15.45
CA SER D 95 14.22 11.57 -14.21
C SER D 95 12.92 12.33 -14.10
N SER D 96 12.43 12.88 -15.21
CA SER D 96 11.21 13.66 -15.17
C SER D 96 10.01 12.75 -14.92
N ILE D 97 9.98 11.60 -15.60
CA ILE D 97 8.90 10.63 -15.42
C ILE D 97 8.89 10.11 -13.98
N ASN D 98 10.06 9.68 -13.49
CA ASN D 98 10.16 9.22 -12.11
C ASN D 98 9.60 10.24 -11.14
N PHE D 99 9.98 11.51 -11.32
CA PHE D 99 9.48 12.55 -10.42
C PHE D 99 7.95 12.66 -10.48
N LEU D 100 7.39 12.78 -11.68
CA LEU D 100 5.96 13.07 -11.78
C LEU D 100 5.11 11.96 -11.15
N THR D 101 5.57 10.71 -11.21
CA THR D 101 4.82 9.64 -10.56
C THR D 101 4.80 9.75 -9.03
N ARG D 102 5.62 10.60 -8.43
CA ARG D 102 5.49 10.78 -6.99
C ARG D 102 4.19 11.50 -6.61
N VAL D 103 3.51 12.11 -7.58
CA VAL D 103 2.20 12.74 -7.33
C VAL D 103 1.12 11.66 -7.34
N SER D 104 0.30 11.63 -6.28
CA SER D 104 -0.80 10.65 -6.22
C SER D 104 -1.78 10.85 -7.37
N GLY D 105 -2.12 9.76 -8.06
CA GLY D 105 -2.93 9.81 -9.25
C GLY D 105 -2.18 9.92 -10.57
N ILE D 106 -0.90 10.28 -10.55
CA ILE D 106 -0.08 10.26 -11.76
C ILE D 106 0.69 8.94 -11.76
N GLY D 107 0.35 8.06 -12.69
CA GLY D 107 1.03 6.80 -12.84
C GLY D 107 2.02 6.87 -13.98
N PRO D 108 2.60 5.72 -14.34
CA PRO D 108 3.59 5.74 -15.43
C PRO D 108 3.06 6.26 -16.75
N SER D 109 1.81 5.94 -17.08
CA SER D 109 1.26 6.37 -18.37
C SER D 109 1.03 7.87 -18.41
N ALA D 110 0.34 8.42 -17.40
CA ALA D 110 0.15 9.87 -17.37
C ALA D 110 1.48 10.60 -17.22
N ALA D 111 2.44 10.03 -16.49
CA ALA D 111 3.70 10.74 -16.32
C ALA D 111 4.41 10.92 -17.67
N ARG D 112 4.39 9.89 -18.50
CA ARG D 112 5.03 9.98 -19.81
C ARG D 112 4.25 10.90 -20.75
N LYS D 113 2.92 10.88 -20.67
CA LYS D 113 2.10 11.80 -21.46
C LYS D 113 2.41 13.26 -21.10
N PHE D 114 2.43 13.58 -19.80
CA PHE D 114 2.77 14.93 -19.37
C PHE D 114 4.17 15.33 -19.85
N VAL D 115 5.18 14.47 -19.62
CA VAL D 115 6.54 14.77 -20.09
C VAL D 115 6.56 15.00 -21.60
N ASP D 116 5.73 14.25 -22.34
CA ASP D 116 5.65 14.45 -23.79
C ASP D 116 5.13 15.85 -24.12
N GLU D 117 4.15 16.32 -23.38
CA GLU D 117 3.60 17.66 -23.55
C GLU D 117 4.44 18.73 -22.87
N GLY D 118 5.65 18.40 -22.41
CA GLY D 118 6.52 19.39 -21.81
C GLY D 118 6.20 19.77 -20.38
N ILE D 119 5.44 18.95 -19.66
CA ILE D 119 5.11 19.19 -18.27
C ILE D 119 6.00 18.27 -17.45
N LYS D 120 7.01 18.83 -16.80
CA LYS D 120 8.08 18.02 -16.24
C LYS D 120 8.54 18.42 -14.86
N THR D 121 7.99 19.47 -14.27
CA THR D 121 8.40 19.89 -12.94
C THR D 121 7.16 20.22 -12.13
N LEU D 122 7.37 20.41 -10.82
CA LEU D 122 6.29 20.81 -9.92
C LEU D 122 5.67 22.13 -10.37
N GLU D 123 6.51 23.10 -10.73
CA GLU D 123 6.04 24.35 -11.31
C GLU D 123 5.17 24.10 -12.53
N ASP D 124 5.61 23.22 -13.43
CA ASP D 124 4.82 22.91 -14.64
C ASP D 124 3.44 22.38 -14.29
N LEU D 125 3.38 21.46 -13.32
CA LEU D 125 2.10 20.91 -12.87
C LEU D 125 1.22 22.02 -12.31
N ARG D 126 1.77 22.85 -11.42
CA ARG D 126 0.97 23.92 -10.83
C ARG D 126 0.40 24.82 -11.91
N LYS D 127 1.19 25.11 -12.96
CA LYS D 127 0.72 25.96 -14.05
C LYS D 127 -0.38 25.29 -14.87
N ASN D 128 -0.37 23.96 -14.95
CA ASN D 128 -1.27 23.23 -15.83
C ASN D 128 -2.29 22.41 -15.04
N GLU D 129 -2.72 22.95 -13.89
CA GLU D 129 -3.74 22.32 -13.08
C GLU D 129 -4.97 21.92 -13.89
N ASP D 130 -5.30 22.70 -14.92
CA ASP D 130 -6.47 22.41 -15.74
C ASP D 130 -6.36 21.09 -16.51
N LYS D 131 -5.16 20.54 -16.68
CA LYS D 131 -5.01 19.26 -17.35
C LYS D 131 -4.99 18.07 -16.40
N LEU D 132 -5.27 18.26 -15.12
CA LEU D 132 -5.25 17.18 -14.14
C LEU D 132 -6.67 16.71 -13.84
N ASN D 133 -6.85 15.41 -13.61
CA ASN D 133 -8.14 14.96 -13.12
C ASN D 133 -8.23 15.26 -11.61
N HIS D 134 -9.37 14.90 -11.00
CA HIS D 134 -9.63 15.33 -9.63
C HIS D 134 -8.58 14.78 -8.66
N HIS D 135 -8.32 13.49 -8.75
CA HIS D 135 -7.33 12.82 -7.89
C HIS D 135 -5.95 13.47 -8.03
N GLN D 136 -5.48 13.65 -9.27
CA GLN D 136 -4.17 14.24 -9.49
C GLN D 136 -4.10 15.65 -8.92
N ARG D 137 -5.20 16.41 -9.03
N ARG D 137 -5.20 16.41 -9.04
CA ARG D 137 -5.23 17.76 -8.48
CA ARG D 137 -5.27 17.75 -8.49
C ARG D 137 -5.04 17.75 -6.96
C ARG D 137 -5.07 17.75 -6.98
N ILE D 138 -5.68 16.79 -6.28
CA ILE D 138 -5.52 16.70 -4.83
C ILE D 138 -4.12 16.20 -4.48
N GLY D 139 -3.61 15.24 -5.25
CA GLY D 139 -2.24 14.78 -5.02
C GLY D 139 -1.21 15.90 -5.17
N LEU D 140 -1.46 16.82 -6.12
CA LEU D 140 -0.54 17.95 -6.28
C LEU D 140 -0.67 18.93 -5.11
N LYS D 141 -1.90 19.20 -4.69
CA LYS D 141 -2.16 20.14 -3.60
C LYS D 141 -1.39 19.75 -2.34
N TYR D 142 -1.32 18.46 -2.05
CA TYR D 142 -0.70 17.96 -0.82
C TYR D 142 0.58 17.20 -1.11
N PHE D 143 1.24 17.49 -2.24
CA PHE D 143 2.46 16.78 -2.61
C PHE D 143 3.46 16.75 -1.45
N GLY D 144 3.70 17.90 -0.84
CA GLY D 144 4.67 17.95 0.25
C GLY D 144 4.22 17.13 1.44
N ASP D 145 2.96 17.30 1.85
CA ASP D 145 2.47 16.60 3.04
C ASP D 145 2.49 15.09 2.83
N PHE D 146 2.13 14.63 1.62
CA PHE D 146 2.01 13.19 1.38
C PHE D 146 3.37 12.48 1.34
N GLU D 147 4.46 13.20 1.26
CA GLU D 147 5.79 12.61 1.38
C GLU D 147 6.25 12.44 2.82
N LYS D 148 5.57 13.03 3.80
CA LYS D 148 5.97 12.90 5.19
C LYS D 148 5.39 11.62 5.78
N ARG D 149 6.17 10.97 6.65
CA ARG D 149 5.68 9.84 7.43
C ARG D 149 4.78 10.32 8.57
N ILE D 150 3.99 9.41 9.09
CA ILE D 150 3.11 9.69 10.23
C ILE D 150 3.69 9.01 11.47
N PRO D 151 4.11 9.75 12.50
CA PRO D 151 4.58 9.10 13.72
C PRO D 151 3.46 8.29 14.34
N ARG D 152 3.83 7.15 14.96
CA ARG D 152 2.80 6.32 15.57
C ARG D 152 1.97 7.09 16.61
N GLU D 153 2.57 8.07 17.27
CA GLU D 153 1.81 8.82 18.30
C GLU D 153 0.64 9.52 17.60
N GLU D 154 0.91 10.10 16.44
CA GLU D 154 -0.17 10.74 15.69
C GLU D 154 -1.17 9.70 15.17
N MET D 155 -0.68 8.53 14.74
CA MET D 155 -1.61 7.46 14.32
C MET D 155 -2.59 7.11 15.43
N LEU D 156 -2.13 7.13 16.69
CA LEU D 156 -3.00 6.82 17.82
C LEU D 156 -4.06 7.91 18.01
N GLN D 157 -3.68 9.18 17.90
CA GLN D 157 -4.68 10.25 17.93
C GLN D 157 -5.71 10.10 16.81
N MET D 158 -5.24 9.77 15.61
CA MET D 158 -6.13 9.63 14.47
C MET D 158 -7.10 8.46 14.67
N GLN D 159 -6.59 7.34 15.18
CA GLN D 159 -7.42 6.19 15.50
C GLN D 159 -8.51 6.56 16.49
N ASP D 160 -8.16 7.33 17.52
N ASP D 160 -8.18 7.38 17.49
CA ASP D 160 -9.14 7.74 18.53
CA ASP D 160 -9.16 7.70 18.52
C ASP D 160 -10.30 8.49 17.88
C ASP D 160 -10.29 8.54 17.93
N ILE D 161 -9.99 9.42 16.97
CA ILE D 161 -11.02 10.21 16.31
C ILE D 161 -11.91 9.31 15.48
N VAL D 162 -11.30 8.45 14.65
CA VAL D 162 -12.09 7.67 13.72
C VAL D 162 -13.00 6.72 14.47
N LEU D 163 -12.46 6.04 15.49
CA LEU D 163 -13.28 5.06 16.19
C LEU D 163 -14.41 5.75 16.96
N ASN D 164 -14.15 6.92 17.54
CA ASN D 164 -15.22 7.59 18.26
C ASN D 164 -16.26 8.19 17.31
N GLU D 165 -15.85 8.64 16.13
CA GLU D 165 -16.83 9.28 15.26
C GLU D 165 -17.71 8.23 14.59
N VAL D 166 -17.14 7.07 14.30
CA VAL D 166 -17.94 5.96 13.77
C VAL D 166 -18.96 5.51 14.81
N LYS D 167 -18.53 5.39 16.07
CA LYS D 167 -19.45 5.01 17.15
C LYS D 167 -20.63 5.96 17.24
N LYS D 168 -20.39 7.26 17.08
CA LYS D 168 -21.48 8.24 17.11
C LYS D 168 -22.48 8.03 15.99
N VAL D 169 -22.04 7.53 14.84
CA VAL D 169 -22.99 7.30 13.73
C VAL D 169 -23.89 6.11 14.07
N ASP D 170 -23.30 5.00 14.46
CA ASP D 170 -24.04 3.78 14.78
C ASP D 170 -23.09 2.95 15.61
N SER D 171 -23.52 2.59 16.82
CA SER D 171 -22.67 1.84 17.74
C SER D 171 -22.38 0.42 17.27
N GLU D 172 -23.03 -0.06 16.21
CA GLU D 172 -22.77 -1.40 15.69
C GLU D 172 -21.68 -1.43 14.62
N TYR D 173 -21.25 -0.28 14.12
CA TYR D 173 -20.05 -0.25 13.29
C TYR D 173 -18.84 -0.74 14.09
N ILE D 174 -17.92 -1.40 13.41
CA ILE D 174 -16.64 -1.72 14.02
C ILE D 174 -15.57 -1.22 13.05
N ALA D 175 -14.66 -0.38 13.53
CA ALA D 175 -13.58 0.16 12.71
C ALA D 175 -12.27 -0.35 13.24
N THR D 176 -11.43 -0.91 12.35
CA THR D 176 -10.14 -1.48 12.73
C THR D 176 -9.03 -0.84 11.90
N VAL D 177 -8.01 -0.26 12.57
CA VAL D 177 -6.91 0.33 11.81
C VAL D 177 -5.95 -0.78 11.40
N CYS D 178 -5.66 -0.84 10.11
CA CYS D 178 -4.92 -1.95 9.55
C CYS D 178 -3.60 -1.45 8.98
N GLY D 179 -3.15 -2.01 7.85
CA GLY D 179 -1.89 -1.55 7.32
C GLY D 179 -0.68 -1.64 8.26
N SER D 180 0.31 -0.78 7.97
CA SER D 180 1.54 -0.79 8.75
C SER D 180 1.28 -0.49 10.23
N PHE D 181 0.24 0.27 10.54
CA PHE D 181 -0.10 0.54 11.94
C PHE D 181 -0.33 -0.76 12.70
N ARG D 182 -1.17 -1.63 12.12
CA ARG D 182 -1.47 -2.90 12.78
C ARG D 182 -0.25 -3.81 12.85
N ARG D 183 0.73 -3.66 11.94
CA ARG D 183 1.98 -4.41 12.04
C ARG D 183 2.95 -3.81 13.05
N GLY D 184 2.55 -2.76 13.77
CA GLY D 184 3.38 -2.21 14.82
C GLY D 184 4.42 -1.21 14.39
N ALA D 185 4.31 -0.65 13.19
CA ALA D 185 5.32 0.27 12.68
C ALA D 185 5.42 1.52 13.55
N GLU D 186 6.64 2.00 13.75
CA GLU D 186 6.83 3.25 14.51
C GLU D 186 6.43 4.48 13.70
N SER D 187 6.26 4.35 12.39
CA SER D 187 5.67 5.41 11.59
C SER D 187 4.97 4.77 10.39
N SER D 188 3.97 5.48 9.84
CA SER D 188 3.17 4.95 8.73
C SER D 188 3.12 5.95 7.57
N GLY D 189 2.94 5.42 6.35
CA GLY D 189 2.73 6.27 5.19
C GLY D 189 1.33 6.85 5.10
N ASP D 190 0.33 6.17 5.66
CA ASP D 190 -1.06 6.64 5.64
C ASP D 190 -1.82 5.95 6.77
N MET D 191 -3.13 6.19 6.82
CA MET D 191 -4.03 5.42 7.68
C MET D 191 -4.99 4.57 6.85
N ASP D 192 -5.05 3.27 7.15
CA ASP D 192 -5.96 2.33 6.52
C ASP D 192 -6.94 1.80 7.56
N VAL D 193 -8.24 1.93 7.27
CA VAL D 193 -9.30 1.60 8.21
C VAL D 193 -10.21 0.57 7.58
N LEU D 194 -10.37 -0.57 8.24
N LEU D 194 -10.34 -0.58 8.21
CA LEU D 194 -11.34 -1.58 7.84
CA LEU D 194 -11.35 -1.55 7.83
C LEU D 194 -12.63 -1.37 8.62
C LEU D 194 -12.64 -1.23 8.59
N LEU D 195 -13.76 -1.32 7.90
CA LEU D 195 -15.06 -1.00 8.50
C LEU D 195 -16.02 -2.16 8.29
N THR D 196 -16.78 -2.51 9.33
CA THR D 196 -17.87 -3.47 9.19
C THR D 196 -19.14 -2.94 9.87
N HIS D 197 -20.29 -3.52 9.48
CA HIS D 197 -21.57 -3.20 10.08
C HIS D 197 -22.45 -4.41 9.85
N PRO D 198 -23.20 -4.85 10.85
CA PRO D 198 -24.00 -6.09 10.71
C PRO D 198 -25.03 -6.04 9.58
N SER D 199 -25.48 -4.86 9.16
CA SER D 199 -26.44 -4.82 8.05
C SER D 199 -25.82 -5.09 6.68
N PHE D 200 -24.50 -5.27 6.58
CA PHE D 200 -23.85 -5.55 5.30
C PHE D 200 -23.06 -6.84 5.45
N THR D 201 -23.58 -7.92 4.85
CA THR D 201 -22.96 -9.23 4.84
C THR D 201 -22.86 -9.73 3.40
N SER D 202 -22.21 -10.88 3.23
CA SER D 202 -22.17 -11.50 1.92
C SER D 202 -23.55 -11.94 1.45
N GLU D 203 -24.52 -12.02 2.36
CA GLU D 203 -25.86 -12.49 2.03
C GLU D 203 -26.83 -11.37 1.70
N SER D 204 -26.67 -10.19 2.32
CA SER D 204 -27.62 -9.13 2.05
C SER D 204 -27.04 -7.77 2.43
N THR D 205 -27.63 -6.72 1.86
CA THR D 205 -27.35 -5.35 2.25
C THR D 205 -28.67 -4.76 2.71
N LYS D 206 -28.85 -4.64 4.03
CA LYS D 206 -30.11 -4.24 4.64
C LYS D 206 -30.19 -2.74 4.90
N GLN D 207 -29.12 -2.00 4.64
CA GLN D 207 -29.08 -0.56 4.85
C GLN D 207 -28.26 0.03 3.72
N PRO D 208 -28.75 1.05 3.03
CA PRO D 208 -27.91 1.78 2.07
C PRO D 208 -27.01 2.77 2.80
N LYS D 209 -26.02 3.27 2.07
CA LYS D 209 -25.20 4.42 2.47
C LYS D 209 -24.34 4.14 3.70
N LEU D 210 -23.96 2.88 3.94
CA LEU D 210 -23.22 2.55 5.16
C LEU D 210 -21.84 3.20 5.20
N LEU D 211 -21.11 3.18 4.07
CA LEU D 211 -19.83 3.89 4.03
C LEU D 211 -20.05 5.39 3.94
N HIS D 212 -21.04 5.82 3.15
CA HIS D 212 -21.33 7.23 2.97
C HIS D 212 -21.55 7.93 4.30
N GLN D 213 -22.39 7.34 5.17
CA GLN D 213 -22.73 7.98 6.44
C GLN D 213 -21.47 8.18 7.30
N VAL D 214 -20.54 7.24 7.25
CA VAL D 214 -19.30 7.41 8.02
C VAL D 214 -18.45 8.52 7.41
N VAL D 215 -18.29 8.51 6.09
CA VAL D 215 -17.52 9.57 5.43
C VAL D 215 -18.10 10.94 5.78
N GLU D 216 -19.42 11.11 5.63
CA GLU D 216 -20.09 12.36 5.98
C GLU D 216 -19.81 12.81 7.40
N GLN D 217 -19.87 11.90 8.38
CA GLN D 217 -19.64 12.30 9.76
C GLN D 217 -18.21 12.77 9.98
N LEU D 218 -17.25 12.09 9.34
CA LEU D 218 -15.84 12.48 9.49
C LEU D 218 -15.56 13.79 8.77
N GLN D 219 -16.35 14.10 7.74
CA GLN D 219 -16.27 15.41 7.11
C GLN D 219 -16.89 16.48 7.99
N LYS D 220 -17.96 16.13 8.68
CA LYS D 220 -18.67 17.17 9.48
C LYS D 220 -17.81 17.70 10.62
N VAL D 221 -16.98 16.85 11.18
CA VAL D 221 -16.10 17.23 12.30
C VAL D 221 -14.75 17.68 11.78
N HIS D 222 -14.67 17.86 10.46
CA HIS D 222 -13.50 18.42 9.78
C HIS D 222 -12.27 17.53 9.90
N PHE D 223 -12.47 16.20 10.03
CA PHE D 223 -11.35 15.27 9.98
C PHE D 223 -10.99 14.94 8.53
N ILE D 224 -11.96 14.47 7.75
CA ILE D 224 -11.75 14.31 6.31
C ILE D 224 -11.88 15.66 5.65
N THR D 225 -10.90 15.98 4.81
CA THR D 225 -10.80 17.27 4.14
C THR D 225 -11.00 17.18 2.63
N ASP D 226 -10.76 16.03 2.02
CA ASP D 226 -10.82 15.87 0.56
C ASP D 226 -11.11 14.42 0.23
N THR D 227 -11.67 14.19 -0.96
CA THR D 227 -11.97 12.84 -1.46
C THR D 227 -11.21 12.58 -2.76
N LEU D 228 -10.47 11.48 -2.81
CA LEU D 228 -9.81 11.11 -4.07
C LEU D 228 -10.69 10.19 -4.91
N SER D 229 -11.43 9.31 -4.26
CA SER D 229 -12.34 8.39 -4.93
C SER D 229 -13.26 7.81 -3.89
N LYS D 230 -14.48 7.45 -4.30
CA LYS D 230 -15.47 7.04 -3.32
C LYS D 230 -16.55 6.21 -4.00
N GLY D 231 -16.72 4.98 -3.53
CA GLY D 231 -17.80 4.12 -3.98
C GLY D 231 -18.56 3.54 -2.80
N GLU D 232 -19.36 2.51 -3.05
N GLU D 232 -19.35 2.50 -3.06
CA GLU D 232 -20.15 1.91 -1.98
CA GLU D 232 -20.16 1.87 -2.02
C GLU D 232 -19.32 1.14 -0.97
C GLU D 232 -19.30 1.17 -0.96
N THR D 233 -18.10 0.71 -1.34
CA THR D 233 -17.27 -0.04 -0.41
C THR D 233 -15.85 0.49 -0.19
N LYS D 234 -15.38 1.45 -0.96
CA LYS D 234 -14.00 1.92 -0.77
C LYS D 234 -13.97 3.44 -0.84
N PHE D 235 -13.34 4.05 0.15
CA PHE D 235 -13.10 5.49 0.16
C PHE D 235 -11.60 5.73 0.18
N MET D 236 -11.16 6.66 -0.66
N MET D 236 -11.15 6.64 -0.67
CA MET D 236 -9.74 7.07 -0.70
CA MET D 236 -9.73 7.07 -0.67
C MET D 236 -9.74 8.59 -0.55
C MET D 236 -9.76 8.59 -0.54
N GLY D 237 -9.08 9.12 0.47
CA GLY D 237 -9.18 10.55 0.70
C GLY D 237 -8.11 11.11 1.58
N VAL D 238 -8.40 12.29 2.14
CA VAL D 238 -7.42 13.09 2.85
C VAL D 238 -8.01 13.48 4.19
N CYS D 239 -7.16 13.50 5.23
CA CYS D 239 -7.60 13.83 6.58
C CYS D 239 -6.51 14.63 7.30
N GLN D 240 -6.88 15.19 8.45
CA GLN D 240 -5.94 16.04 9.20
C GLN D 240 -6.35 16.10 10.66
N LEU D 241 -5.38 15.90 11.56
CA LEU D 241 -5.60 16.09 12.99
C LEU D 241 -5.86 17.56 13.33
N PRO D 242 -6.70 17.83 14.33
CA PRO D 242 -6.87 19.22 14.79
C PRO D 242 -5.64 19.66 15.58
N SER D 243 -5.31 20.93 15.46
CA SER D 243 -4.20 21.45 16.23
C SER D 243 -4.72 22.34 17.35
N LYS D 244 -3.83 22.73 18.26
CA LYS D 244 -4.18 23.57 19.39
C LYS D 244 -4.02 25.05 19.04
N ASN D 245 -4.41 25.92 19.96
CA ASN D 245 -4.28 27.36 19.75
C ASN D 245 -2.82 27.76 19.54
N ASP D 246 -2.59 28.65 18.56
CA ASP D 246 -1.26 29.06 18.11
C ASP D 246 -0.33 27.95 17.64
N GLU D 247 -0.80 26.71 17.56
CA GLU D 247 0.05 25.62 17.10
C GLU D 247 0.08 25.56 15.57
N LYS D 248 1.24 25.20 15.01
CA LYS D 248 1.32 24.94 13.58
C LYS D 248 0.37 23.77 13.24
N GLU D 249 -0.23 23.82 12.05
CA GLU D 249 -1.13 22.73 11.68
C GLU D 249 -0.33 21.45 11.42
N TYR D 250 -0.97 20.31 11.70
CA TYR D 250 -0.44 19.01 11.27
C TYR D 250 -0.46 18.89 9.75
N PRO D 251 0.42 18.06 9.18
CA PRO D 251 0.34 17.75 7.74
C PRO D 251 -0.98 17.06 7.39
N HIS D 252 -1.49 17.34 6.19
CA HIS D 252 -2.61 16.50 5.70
C HIS D 252 -2.08 15.10 5.41
N ARG D 253 -2.94 14.11 5.62
CA ARG D 253 -2.58 12.69 5.55
C ARG D 253 -3.54 11.93 4.63
N ARG D 254 -3.02 10.86 4.04
CA ARG D 254 -3.88 10.00 3.23
C ARG D 254 -4.64 9.04 4.14
N ILE D 255 -5.91 8.82 3.83
CA ILE D 255 -6.73 7.83 4.54
C ILE D 255 -7.49 6.99 3.51
N ASP D 256 -7.51 5.68 3.76
CA ASP D 256 -8.24 4.70 2.95
C ASP D 256 -9.21 4.01 3.89
N ILE D 257 -10.45 3.83 3.46
CA ILE D 257 -11.44 3.14 4.26
C ILE D 257 -12.08 2.08 3.38
N ARG D 258 -12.13 0.86 3.87
CA ARG D 258 -12.69 -0.27 3.15
C ARG D 258 -13.79 -0.89 3.99
N LEU D 259 -15.02 -0.88 3.47
CA LEU D 259 -16.17 -1.54 4.09
C LEU D 259 -16.24 -2.97 3.57
N ILE D 260 -16.11 -3.94 4.47
CA ILE D 260 -16.04 -5.36 4.11
C ILE D 260 -17.28 -6.05 4.66
N PRO D 261 -17.86 -7.04 3.97
CA PRO D 261 -18.97 -7.78 4.57
C PRO D 261 -18.57 -8.34 5.93
N LYS D 262 -19.48 -8.20 6.90
CA LYS D 262 -19.07 -8.46 8.29
C LYS D 262 -18.70 -9.91 8.50
N ASP D 263 -19.36 -10.83 7.80
CA ASP D 263 -19.00 -12.24 7.87
C ASP D 263 -17.70 -12.57 7.16
N GLN D 264 -17.07 -11.60 6.47
CA GLN D 264 -15.82 -11.84 5.77
C GLN D 264 -14.69 -11.01 6.38
N TYR D 265 -14.81 -10.71 7.68
CA TYR D 265 -13.86 -9.83 8.35
C TYR D 265 -12.43 -10.38 8.37
N TYR D 266 -12.28 -11.70 8.58
CA TYR D 266 -10.91 -12.21 8.79
C TYR D 266 -10.13 -12.21 7.49
N CYS D 267 -10.78 -12.56 6.37
CA CYS D 267 -10.11 -12.44 5.08
C CYS D 267 -9.81 -10.98 4.80
N GLY D 268 -10.70 -10.09 5.25
CA GLY D 268 -10.51 -8.67 5.01
C GLY D 268 -9.38 -8.08 5.83
N VAL D 269 -9.29 -8.45 7.10
CA VAL D 269 -8.24 -7.92 7.95
C VAL D 269 -6.89 -8.52 7.60
N LEU D 270 -6.87 -9.77 7.13
CA LEU D 270 -5.62 -10.35 6.62
C LEU D 270 -5.13 -9.54 5.43
N TYR D 271 -6.04 -9.26 4.48
CA TYR D 271 -5.67 -8.49 3.30
C TYR D 271 -5.21 -7.08 3.68
N PHE D 272 -5.99 -6.37 4.51
CA PHE D 272 -5.71 -4.97 4.79
C PHE D 272 -4.58 -4.80 5.79
N THR D 273 -4.09 -5.88 6.41
CA THR D 273 -2.92 -5.74 7.24
C THR D 273 -1.62 -5.84 6.44
N GLY D 274 -1.65 -6.54 5.31
CA GLY D 274 -0.48 -6.68 4.45
C GLY D 274 0.73 -7.26 5.17
N SER D 275 1.93 -6.86 4.75
CA SER D 275 2.27 -5.88 3.70
C SER D 275 1.82 -6.33 2.33
N ASP D 276 1.98 -5.48 1.33
CA ASP D 276 1.61 -5.89 -0.02
C ASP D 276 2.47 -7.05 -0.51
N ILE D 277 3.78 -7.00 -0.23
CA ILE D 277 4.64 -8.12 -0.62
C ILE D 277 4.28 -9.36 0.16
N PHE D 278 3.93 -9.22 1.43
CA PHE D 278 3.51 -10.38 2.19
C PHE D 278 2.27 -11.02 1.58
N ASN D 279 1.28 -10.21 1.18
CA ASN D 279 0.07 -10.76 0.56
C ASN D 279 0.40 -11.45 -0.76
N LYS D 280 1.31 -10.87 -1.53
CA LYS D 280 1.66 -11.46 -2.81
C LYS D 280 2.32 -12.82 -2.60
N ASN D 281 3.27 -12.88 -1.67
CA ASN D 281 3.90 -14.15 -1.33
C ASN D 281 2.89 -15.16 -0.84
N MET D 282 2.00 -14.73 0.05
CA MET D 282 1.06 -15.67 0.63
C MET D 282 0.04 -16.12 -0.40
N ARG D 283 -0.47 -15.20 -1.23
CA ARG D 283 -1.43 -15.62 -2.24
C ARG D 283 -0.80 -16.49 -3.32
N ALA D 284 0.47 -16.24 -3.66
CA ALA D 284 1.18 -17.14 -4.58
C ALA D 284 1.32 -18.53 -3.99
N HIS D 285 1.70 -18.61 -2.71
CA HIS D 285 1.76 -19.91 -2.03
C HIS D 285 0.41 -20.61 -2.00
N ALA D 286 -0.66 -19.87 -1.71
CA ALA D 286 -2.00 -20.45 -1.75
C ALA D 286 -2.28 -21.10 -3.10
N LEU D 287 -1.94 -20.41 -4.19
CA LEU D 287 -2.13 -20.98 -5.54
C LEU D 287 -1.35 -22.28 -5.70
N GLU D 288 -0.09 -22.30 -5.26
CA GLU D 288 0.66 -23.56 -5.30
C GLU D 288 0.00 -24.64 -4.46
N LYS D 289 -0.70 -24.27 -3.39
CA LYS D 289 -1.34 -25.24 -2.53
C LYS D 289 -2.76 -25.60 -3.00
N GLY D 290 -3.26 -24.95 -4.04
CA GLY D 290 -4.57 -25.26 -4.56
C GLY D 290 -5.70 -24.42 -4.02
N PHE D 291 -5.42 -23.19 -3.61
CA PHE D 291 -6.45 -22.26 -3.15
C PHE D 291 -6.22 -20.91 -3.79
N THR D 292 -7.26 -20.08 -3.78
CA THR D 292 -7.13 -18.66 -4.14
C THR D 292 -7.67 -17.82 -3.00
N ILE D 293 -6.92 -16.80 -2.61
CA ILE D 293 -7.27 -15.92 -1.50
C ILE D 293 -7.50 -14.52 -2.02
N ASN D 294 -8.66 -13.94 -1.70
CA ASN D 294 -8.85 -12.51 -1.90
C ASN D 294 -9.30 -11.89 -0.56
N GLU D 295 -9.73 -10.62 -0.56
CA GLU D 295 -10.08 -9.97 0.71
C GLU D 295 -11.42 -10.44 1.26
N TYR D 296 -12.13 -11.30 0.55
CA TYR D 296 -13.44 -11.80 0.95
C TYR D 296 -13.42 -13.26 1.39
N THR D 297 -12.69 -14.11 0.68
CA THR D 297 -12.81 -15.56 0.82
C THR D 297 -11.48 -16.23 0.52
N ILE D 298 -11.35 -17.45 1.02
CA ILE D 298 -10.40 -18.41 0.45
C ILE D 298 -11.25 -19.52 -0.16
N ARG D 299 -10.97 -19.85 -1.41
N ARG D 299 -10.93 -19.88 -1.40
CA ARG D 299 -11.69 -20.87 -2.12
CA ARG D 299 -11.69 -20.88 -2.15
C ARG D 299 -10.71 -21.93 -2.63
C ARG D 299 -10.75 -21.91 -2.73
N PRO D 300 -11.15 -23.18 -2.78
CA PRO D 300 -10.30 -24.19 -3.40
C PRO D 300 -10.26 -23.99 -4.90
N LEU D 301 -9.19 -24.46 -5.51
CA LEU D 301 -9.10 -24.57 -6.96
C LEU D 301 -9.50 -25.98 -7.38
N GLY D 302 -10.43 -26.07 -8.32
CA GLY D 302 -10.86 -27.36 -8.83
C GLY D 302 -9.84 -27.97 -9.78
N VAL D 303 -10.17 -29.14 -10.33
CA VAL D 303 -9.23 -29.82 -11.26
C VAL D 303 -8.93 -28.89 -12.44
N THR D 304 -9.86 -28.02 -12.82
CA THR D 304 -9.65 -27.17 -14.01
C THR D 304 -9.02 -25.82 -13.62
N GLY D 305 -8.87 -25.56 -12.31
CA GLY D 305 -8.37 -24.28 -11.87
C GLY D 305 -9.43 -23.23 -11.60
N VAL D 306 -10.71 -23.56 -11.70
CA VAL D 306 -11.77 -22.63 -11.39
C VAL D 306 -12.08 -22.68 -9.89
N ALA D 307 -12.32 -21.51 -9.31
CA ALA D 307 -12.54 -21.40 -7.87
C ALA D 307 -13.84 -22.09 -7.48
N GLY D 308 -13.79 -22.85 -6.41
CA GLY D 308 -14.97 -23.43 -5.80
C GLY D 308 -15.64 -22.48 -4.83
N GLU D 309 -16.44 -23.06 -3.94
CA GLU D 309 -17.20 -22.27 -2.99
C GLU D 309 -16.33 -21.83 -1.83
N PRO D 310 -16.70 -20.73 -1.17
CA PRO D 310 -15.88 -20.24 -0.05
C PRO D 310 -15.78 -21.24 1.10
N LEU D 311 -14.56 -21.32 1.66
CA LEU D 311 -14.33 -22.21 2.78
C LEU D 311 -14.62 -21.49 4.09
N PRO D 312 -14.98 -22.21 5.14
CA PRO D 312 -15.28 -21.54 6.41
C PRO D 312 -14.02 -20.98 7.06
N VAL D 313 -14.13 -19.75 7.56
CA VAL D 313 -13.02 -19.01 8.15
C VAL D 313 -13.51 -18.35 9.43
N ASP D 314 -12.89 -18.67 10.58
CA ASP D 314 -13.27 -18.07 11.85
C ASP D 314 -12.13 -17.36 12.54
N SER D 315 -11.00 -17.16 11.86
CA SER D 315 -9.84 -16.49 12.44
C SER D 315 -8.87 -16.25 11.30
N GLU D 316 -7.94 -15.31 11.48
CA GLU D 316 -6.86 -15.17 10.51
C GLU D 316 -6.07 -16.47 10.40
N LYS D 317 -5.85 -17.14 11.55
CA LYS D 317 -5.06 -18.36 11.55
C LYS D 317 -5.68 -19.45 10.69
N ASP D 318 -7.01 -19.51 10.62
CA ASP D 318 -7.66 -20.50 9.76
C ASP D 318 -7.15 -20.40 8.33
N ILE D 319 -6.89 -19.18 7.84
CA ILE D 319 -6.42 -19.02 6.46
C ILE D 319 -5.00 -19.55 6.31
N PHE D 320 -4.13 -19.26 7.29
CA PHE D 320 -2.78 -19.85 7.28
C PHE D 320 -2.84 -21.38 7.32
N ASP D 321 -3.75 -21.93 8.11
CA ASP D 321 -3.88 -23.38 8.23
C ASP D 321 -4.23 -24.05 6.90
N TYR D 322 -5.13 -23.43 6.12
CA TYR D 322 -5.55 -24.02 4.85
C TYR D 322 -4.38 -24.22 3.90
N ILE D 323 -3.42 -23.29 3.92
CA ILE D 323 -2.31 -23.31 2.97
C ILE D 323 -1.04 -23.84 3.63
N GLN D 324 -1.15 -24.37 4.84
CA GLN D 324 -0.05 -25.06 5.55
C GLN D 324 1.11 -24.13 5.87
N TRP D 325 0.79 -22.94 6.36
CA TRP D 325 1.77 -22.01 6.91
C TRP D 325 1.58 -21.88 8.40
N LYS D 326 2.68 -21.85 9.16
CA LYS D 326 2.57 -21.47 10.55
C LYS D 326 2.10 -20.03 10.64
N TYR D 327 1.35 -19.75 11.70
CA TYR D 327 0.77 -18.42 11.85
C TYR D 327 1.87 -17.39 12.02
N ARG D 328 1.69 -16.25 11.37
CA ARG D 328 2.62 -15.15 11.57
C ARG D 328 1.83 -13.96 12.09
N GLU D 329 2.26 -13.45 13.25
CA GLU D 329 1.67 -12.27 13.83
C GLU D 329 1.84 -11.08 12.88
N PRO D 330 0.95 -10.08 12.96
CA PRO D 330 1.08 -8.92 12.06
C PRO D 330 2.47 -8.29 12.04
N LYS D 331 3.11 -8.14 13.21
CA LYS D 331 4.44 -7.52 13.24
C LYS D 331 5.47 -8.33 12.47
N ASP D 332 5.21 -9.60 12.17
CA ASP D 332 6.15 -10.40 11.41
C ASP D 332 5.75 -10.52 9.93
N ARG D 333 4.86 -9.63 9.45
CA ARG D 333 4.40 -9.64 8.07
C ARG D 333 4.89 -8.41 7.29
N SER D 334 5.93 -7.73 7.79
CA SER D 334 6.42 -6.51 7.13
C SER D 334 7.47 -6.88 6.11
N GLU D 335 7.01 -7.49 5.02
CA GLU D 335 7.91 -7.88 3.95
C GLU D 335 7.94 -6.82 2.87
MG MG E . -0.98 2.18 4.86
MG MG F . -3.41 2.85 2.26
NA NA G . 1.71 8.55 -8.52
NA NA H . 18.22 -17.19 -5.81
CL CL I . 7.74 -6.86 -17.24
CL CL J . 24.18 4.05 -7.58
CL CL K . -15.15 -13.90 -3.45
N1 DCP L . -2.13 -3.77 -0.49
C2 DCP L . -2.19 -5.21 -1.11
N3 DCP L . -1.74 -5.10 -2.60
C4 DCP L . -1.28 -3.86 -3.13
C5 DCP L . -1.24 -2.65 -2.30
C6 DCP L . -1.59 -2.63 -1.03
O2 DCP L . -2.58 -6.32 -0.74
N4 DCP L . -0.84 -3.69 -4.50
C1' DCP L . -2.32 -3.71 0.72
C2' DCP L . -1.36 -4.38 1.97
C3' DCP L . -1.53 -3.37 3.10
C4' DCP L . -2.37 -2.41 2.70
O4' DCP L . -2.81 -2.55 1.18
O3' DCP L . -0.96 -3.57 4.40
C5' DCP L . -2.76 -1.17 3.25
O5' DCP L . -2.19 -0.46 2.12
PA DCP L . -0.91 0.59 2.07
O1A DCP L . -0.52 0.97 0.71
O2A DCP L . -1.36 1.81 2.75
O3A DCP L . 0.51 -0.02 2.69
PB DCP L . 0.98 -0.20 4.25
O1B DCP L . 1.29 -1.63 4.47
O2B DCP L . -0.06 0.19 5.23
O3B DCP L . 2.35 0.65 4.50
PG DCP L . 2.39 2.30 4.53
O1G DCP L . 1.04 2.88 4.26
O2G DCP L . 2.94 2.71 5.87
O3G DCP L . 3.27 2.78 3.40
#